data_5OUK
#
_entry.id   5OUK
#
_cell.length_a   40.286
_cell.length_b   47.076
_cell.length_c   47.304
_cell.angle_alpha   76.34
_cell.angle_beta   67.52
_cell.angle_gamma   76.76
#
_symmetry.space_group_name_H-M   'P 1'
#
loop_
_entity.id
_entity.type
_entity.pdbx_description
1 polymer 'Aldose reductase'
2 non-polymer 'NADP NICOTINAMIDE-ADENINE-DINUCLEOTIDE PHOSPHATE'
3 non-polymer '2-[9-fluoranyl-5-(4-methoxyphenyl)-3-methyl-1-oxidanylidene-pyrimido[4,5-c]quinolin-2-yl]ethanoic acid'
4 water water
#
_entity_poly.entity_id   1
_entity_poly.type   'polypeptide(L)'
_entity_poly.pdbx_seq_one_letter_code
;MASRILLNNGAKMPILGLGTWKSPPGQVTEAVKVAIDVGYRHIDCAHVYQNENEVGVAIQEKLREQVVKREELFIVSKLW
CTYHEKGLVKGACQKTLSDLKLDYLDLYLIHWPTGFKPGKEFFPLDESGNVVPSDTNILDTWAAMEELVDEGLVKAIGIS
NFNHLQVEMILNKPGLKYKPAVNQIECHPYLTQEKLIQYCQSKGIVVTAYSPLGSPDRPWAKPEDPSLLEDPRIKAIAAK
HNKTTAQVLIRFPMQRNLVVIPKSVTPERIAENFKVFDFELSSQDMTTLLSYNRNWRVCALLSCTSHKDYPFHEEF
;
_entity_poly.pdbx_strand_id   A
#
# COMPACT_ATOMS: atom_id res chain seq x y z
N MET A 1 -4.62 -21.17 -4.69
CA MET A 1 -4.58 -19.81 -4.19
C MET A 1 -5.84 -18.97 -4.57
N ALA A 2 -7.09 -18.96 -3.82
CA ALA A 2 -8.15 -17.98 -4.07
C ALA A 2 -7.55 -16.60 -4.29
N SER A 3 -8.21 -15.83 -5.15
CA SER A 3 -7.57 -14.61 -5.58
C SER A 3 -7.95 -13.42 -4.73
N ARG A 4 -8.87 -13.56 -3.78
CA ARG A 4 -9.32 -12.47 -2.94
CA ARG A 4 -9.32 -12.47 -2.94
C ARG A 4 -9.34 -12.90 -1.49
N ILE A 5 -9.24 -11.94 -0.61
N ILE A 5 -9.17 -11.91 -0.59
CA ILE A 5 -9.29 -12.11 0.82
CA ILE A 5 -9.25 -12.05 0.86
C ILE A 5 -10.47 -11.30 1.37
C ILE A 5 -10.46 -11.29 1.39
N LEU A 6 -11.19 -11.89 2.32
CA LEU A 6 -12.37 -11.26 2.91
C LEU A 6 -11.99 -10.18 3.94
N LEU A 7 -12.54 -8.98 3.77
CA LEU A 7 -12.37 -7.88 4.73
C LEU A 7 -13.52 -7.80 5.73
N ASN A 8 -13.38 -6.96 6.79
CA ASN A 8 -14.37 -6.81 7.87
C ASN A 8 -15.66 -6.10 7.50
N ASN A 9 -15.71 -5.53 6.30
CA ASN A 9 -16.93 -4.92 5.82
C ASN A 9 -17.65 -5.89 4.91
N GLY A 10 -17.18 -7.16 4.85
CA GLY A 10 -17.85 -8.12 3.99
C GLY A 10 -17.39 -8.15 2.55
N ALA A 11 -16.56 -7.20 2.14
CA ALA A 11 -16.05 -7.14 0.77
C ALA A 11 -14.81 -8.02 0.61
N LYS A 12 -14.53 -8.38 -0.64
CA LYS A 12 -13.38 -9.20 -0.98
C LYS A 12 -12.34 -8.34 -1.71
N MET A 13 -11.09 -8.47 -1.28
CA MET A 13 -9.99 -7.66 -1.81
C MET A 13 -9.03 -8.53 -2.59
N PRO A 14 -8.73 -8.19 -3.85
CA PRO A 14 -7.75 -9.00 -4.61
C PRO A 14 -6.39 -8.98 -3.93
N ILE A 15 -5.80 -10.18 -3.84
CA ILE A 15 -4.52 -10.33 -3.17
C ILE A 15 -3.35 -9.79 -3.99
N LEU A 16 -3.52 -9.59 -5.29
CA LEU A 16 -2.48 -9.00 -6.13
C LEU A 16 -3.01 -7.70 -6.69
N GLY A 17 -2.27 -6.62 -6.45
CA GLY A 17 -2.60 -5.32 -7.00
C GLY A 17 -1.40 -4.67 -7.66
N LEU A 18 -1.69 -3.62 -8.42
CA LEU A 18 -0.68 -2.82 -9.09
C LEU A 18 -0.31 -1.60 -8.25
N GLY A 19 0.98 -1.47 -7.91
CA GLY A 19 1.45 -0.27 -7.29
C GLY A 19 1.69 0.86 -8.27
N THR A 20 1.60 2.10 -7.79
CA THR A 20 1.71 3.28 -8.65
C THR A 20 2.62 4.39 -8.12
N TRP A 21 3.33 4.15 -7.01
CA TRP A 21 4.32 5.15 -6.57
C TRP A 21 5.48 5.16 -7.56
N LYS A 22 5.84 6.37 -8.01
CA LYS A 22 6.94 6.60 -8.97
C LYS A 22 6.56 6.17 -10.37
N SER A 23 5.29 5.92 -10.64
CA SER A 23 4.84 5.69 -12.01
C SER A 23 4.57 7.06 -12.64
N PRO A 24 5.43 7.53 -13.55
CA PRO A 24 5.36 8.91 -13.92
C PRO A 24 4.04 9.16 -14.59
N PRO A 25 3.49 10.37 -14.45
CA PRO A 25 2.23 10.66 -15.10
C PRO A 25 2.25 10.39 -16.59
N GLY A 26 3.35 10.65 -17.29
CA GLY A 26 3.36 10.45 -18.72
C GLY A 26 3.46 8.99 -19.14
N GLN A 27 3.66 8.04 -18.19
CA GLN A 27 3.75 6.62 -18.47
CA GLN A 27 3.73 6.61 -18.46
CA GLN A 27 3.71 6.62 -18.49
C GLN A 27 2.66 5.78 -17.76
N VAL A 28 1.99 6.30 -16.74
CA VAL A 28 1.14 5.43 -15.92
C VAL A 28 -0.24 5.08 -16.52
N THR A 29 -0.77 5.89 -17.41
CA THR A 29 -2.05 5.53 -18.03
C THR A 29 -1.90 4.20 -18.77
N GLU A 30 -0.86 4.07 -19.60
CA GLU A 30 -0.69 2.81 -20.33
C GLU A 30 -0.44 1.65 -19.37
N ALA A 31 0.29 1.91 -18.27
CA ALA A 31 0.58 0.83 -17.34
C ALA A 31 -0.71 0.27 -16.75
N VAL A 32 -1.63 1.18 -16.36
CA VAL A 32 -2.87 0.71 -15.76
C VAL A 32 -3.77 0.06 -16.81
N LYS A 33 -3.78 0.55 -18.05
CA LYS A 33 -4.54 -0.09 -19.12
C LYS A 33 -4.04 -1.53 -19.34
N VAL A 34 -2.72 -1.70 -19.45
CA VAL A 34 -2.16 -3.04 -19.61
C VAL A 34 -2.50 -3.93 -18.42
N ALA A 35 -2.35 -3.38 -17.22
CA ALA A 35 -2.64 -4.17 -16.03
C ALA A 35 -4.07 -4.68 -16.05
N ILE A 36 -5.03 -3.83 -16.36
CA ILE A 36 -6.41 -4.29 -16.42
C ILE A 36 -6.56 -5.34 -17.52
N ASP A 37 -5.91 -5.11 -18.68
CA ASP A 37 -5.99 -6.08 -19.79
C ASP A 37 -5.47 -7.45 -19.40
N VAL A 38 -4.44 -7.54 -18.54
CA VAL A 38 -3.85 -8.84 -18.20
C VAL A 38 -4.40 -9.42 -16.93
N GLY A 39 -5.32 -8.71 -16.30
CA GLY A 39 -6.07 -9.32 -15.24
C GLY A 39 -6.04 -8.63 -13.92
N TYR A 40 -5.26 -7.59 -13.69
CA TYR A 40 -5.29 -6.91 -12.39
C TYR A 40 -6.64 -6.26 -12.18
N ARG A 41 -7.12 -6.34 -10.95
CA ARG A 41 -8.38 -5.74 -10.56
C ARG A 41 -8.21 -4.80 -9.36
N HIS A 42 -7.06 -4.74 -8.77
CA HIS A 42 -6.73 -3.94 -7.60
C HIS A 42 -5.61 -3.00 -8.01
N ILE A 43 -5.81 -1.70 -7.78
CA ILE A 43 -4.81 -0.66 -8.05
CA ILE A 43 -4.81 -0.68 -8.04
C ILE A 43 -4.59 0.08 -6.74
N ASP A 44 -3.30 0.20 -6.34
CA ASP A 44 -2.93 0.94 -5.15
C ASP A 44 -2.45 2.34 -5.57
N CYS A 45 -3.18 3.35 -5.07
CA CYS A 45 -2.99 4.74 -5.47
C CYS A 45 -2.68 5.59 -4.23
N ALA A 46 -2.34 6.85 -4.49
CA ALA A 46 -2.28 7.83 -3.41
C ALA A 46 -2.24 9.22 -4.01
N HIS A 47 -2.83 10.19 -3.30
CA HIS A 47 -2.73 11.59 -3.75
C HIS A 47 -1.28 12.04 -3.89
N VAL A 48 -0.42 11.63 -2.94
CA VAL A 48 0.98 12.07 -2.95
C VAL A 48 1.75 11.52 -4.14
N TYR A 49 1.23 10.51 -4.84
CA TYR A 49 1.92 9.95 -6.01
C TYR A 49 1.78 10.87 -7.23
N GLN A 50 0.86 11.83 -7.20
CA GLN A 50 0.79 12.89 -8.19
C GLN A 50 0.43 12.41 -9.58
N ASN A 51 -0.30 11.30 -9.62
CA ASN A 51 -0.63 10.62 -10.88
C ASN A 51 -2.04 10.03 -10.87
N GLU A 52 -2.88 10.45 -9.88
CA GLU A 52 -4.19 9.85 -9.81
C GLU A 52 -5.08 10.23 -11.00
N ASN A 53 -4.92 11.44 -11.58
N ASN A 53 -4.91 11.45 -11.56
CA ASN A 53 -5.74 11.72 -12.77
CA ASN A 53 -5.63 11.81 -12.77
C ASN A 53 -5.44 10.70 -13.87
C ASN A 53 -5.41 10.76 -13.86
N GLU A 54 -4.14 10.40 -14.07
CA GLU A 54 -3.73 9.50 -15.18
C GLU A 54 -4.16 8.07 -14.91
N VAL A 55 -4.15 7.65 -13.62
CA VAL A 55 -4.75 6.38 -13.28
C VAL A 55 -6.23 6.38 -13.63
N GLY A 56 -6.93 7.46 -13.25
CA GLY A 56 -8.37 7.56 -13.49
C GLY A 56 -8.73 7.49 -14.97
N VAL A 57 -7.91 8.12 -15.83
CA VAL A 57 -8.09 8.04 -17.29
C VAL A 57 -8.11 6.60 -17.76
N ALA A 58 -7.15 5.84 -17.29
CA ALA A 58 -7.00 4.47 -17.72
C ALA A 58 -8.23 3.68 -17.31
N ILE A 59 -8.62 3.85 -16.05
CA ILE A 59 -9.80 3.16 -15.57
C ILE A 59 -11.03 3.54 -16.41
N GLN A 60 -11.21 4.86 -16.63
CA GLN A 60 -12.36 5.29 -17.41
C GLN A 60 -12.37 4.62 -18.79
N GLU A 61 -11.22 4.59 -19.45
CA GLU A 61 -11.17 4.02 -20.76
C GLU A 61 -11.60 2.56 -20.75
N LYS A 62 -11.09 1.80 -19.78
CA LYS A 62 -11.39 0.38 -19.72
C LYS A 62 -12.84 0.09 -19.36
N LEU A 63 -13.44 0.95 -18.53
CA LEU A 63 -14.88 0.88 -18.30
C LEU A 63 -15.64 1.15 -19.61
N ARG A 64 -15.24 2.20 -20.34
CA ARG A 64 -15.97 2.54 -21.58
C ARG A 64 -15.78 1.47 -22.67
N GLU A 65 -14.62 0.82 -22.70
CA GLU A 65 -14.34 -0.30 -23.61
C GLU A 65 -15.09 -1.59 -23.25
N GLN A 66 -15.72 -1.64 -22.08
CA GLN A 66 -16.45 -2.86 -21.64
C GLN A 66 -15.52 -3.99 -21.25
N VAL A 67 -14.30 -3.66 -20.79
CA VAL A 67 -13.31 -4.64 -20.38
C VAL A 67 -13.57 -5.10 -18.97
N VAL A 68 -14.03 -4.15 -18.12
CA VAL A 68 -14.31 -4.41 -16.73
CA VAL A 68 -14.33 -4.39 -16.72
C VAL A 68 -15.49 -3.50 -16.38
N LYS A 69 -16.18 -3.85 -15.29
CA LYS A 69 -17.18 -2.94 -14.70
C LYS A 69 -16.64 -2.49 -13.33
N ARG A 70 -17.19 -1.40 -12.81
CA ARG A 70 -16.63 -0.80 -11.60
C ARG A 70 -16.64 -1.75 -10.40
N GLU A 71 -17.68 -2.57 -10.26
CA GLU A 71 -17.80 -3.42 -9.10
C GLU A 71 -16.70 -4.47 -9.03
N GLU A 72 -16.07 -4.79 -10.20
CA GLU A 72 -15.00 -5.78 -10.23
C GLU A 72 -13.66 -5.19 -9.84
N LEU A 73 -13.51 -3.87 -9.86
CA LEU A 73 -12.29 -3.22 -9.49
C LEU A 73 -12.22 -2.96 -8.00
N PHE A 74 -11.00 -2.90 -7.48
CA PHE A 74 -10.74 -2.63 -6.06
C PHE A 74 -9.71 -1.51 -6.04
N ILE A 75 -10.19 -0.27 -5.85
CA ILE A 75 -9.34 0.91 -5.94
C ILE A 75 -9.06 1.41 -4.55
N VAL A 76 -7.76 1.53 -4.25
CA VAL A 76 -7.27 1.97 -2.94
C VAL A 76 -6.61 3.33 -3.12
N SER A 77 -6.89 4.26 -2.21
CA SER A 77 -6.05 5.45 -2.11
C SER A 77 -5.79 5.76 -0.64
N LYS A 78 -5.09 6.87 -0.40
CA LYS A 78 -4.54 7.16 0.92
C LYS A 78 -4.58 8.66 1.16
N LEU A 79 -4.89 9.00 2.40
CA LEU A 79 -4.94 10.37 2.94
C LEU A 79 -3.51 10.82 3.26
N TRP A 80 -3.02 11.85 2.58
CA TRP A 80 -1.66 12.32 2.81
C TRP A 80 -1.54 13.02 4.17
N CYS A 81 -0.27 13.12 4.62
CA CYS A 81 0.05 13.58 5.97
C CYS A 81 -0.36 15.03 6.23
N THR A 82 -0.43 15.87 5.20
CA THR A 82 -0.82 17.27 5.36
C THR A 82 -2.31 17.48 5.48
N TYR A 83 -3.10 16.39 5.50
CA TYR A 83 -4.55 16.47 5.57
CA TYR A 83 -4.55 16.49 5.56
C TYR A 83 -5.13 15.74 6.75
N HIS A 84 -4.36 15.60 7.86
CA HIS A 84 -4.88 14.84 8.99
C HIS A 84 -5.91 15.60 9.81
N GLU A 85 -5.99 16.93 9.69
CA GLU A 85 -6.97 17.67 10.46
C GLU A 85 -8.37 17.20 10.08
N LYS A 86 -9.24 17.06 11.09
CA LYS A 86 -10.57 16.51 10.82
C LYS A 86 -11.31 17.32 9.74
N GLY A 87 -11.11 18.63 9.67
CA GLY A 87 -11.80 19.44 8.67
C GLY A 87 -11.23 19.38 7.25
N LEU A 88 -10.10 18.72 7.07
CA LEU A 88 -9.46 18.54 5.77
C LEU A 88 -9.67 17.16 5.14
N VAL A 89 -10.11 16.18 5.93
CA VAL A 89 -10.11 14.79 5.46
C VAL A 89 -11.08 14.61 4.30
N LYS A 90 -12.33 15.11 4.45
CA LYS A 90 -13.31 14.87 3.38
C LYS A 90 -12.86 15.49 2.07
N GLY A 91 -12.33 16.71 2.12
CA GLY A 91 -11.88 17.35 0.91
C GLY A 91 -10.74 16.60 0.24
N ALA A 92 -9.84 16.05 1.06
CA ALA A 92 -8.74 15.27 0.49
C ALA A 92 -9.27 14.01 -0.21
N CYS A 93 -10.23 13.33 0.42
CA CYS A 93 -10.83 12.17 -0.20
C CYS A 93 -11.54 12.54 -1.49
N GLN A 94 -12.31 13.64 -1.46
CA GLN A 94 -13.06 14.02 -2.64
CA GLN A 94 -13.06 14.10 -2.62
C GLN A 94 -12.12 14.47 -3.77
N LYS A 95 -10.96 15.06 -3.46
CA LYS A 95 -10.00 15.41 -4.51
C LYS A 95 -9.49 14.13 -5.18
N THR A 96 -8.95 13.10 -4.44
CA THR A 96 -8.69 11.77 -5.00
C THR A 96 -9.91 11.26 -5.80
N LEU A 97 -11.11 11.27 -5.30
CA LEU A 97 -12.23 10.71 -6.09
C LEU A 97 -12.37 11.46 -7.42
N SER A 98 -12.26 12.80 -7.37
CA SER A 98 -12.39 13.57 -8.59
C SER A 98 -11.28 13.25 -9.57
N ASP A 99 -10.04 13.18 -9.07
CA ASP A 99 -8.91 12.85 -9.95
C ASP A 99 -9.06 11.46 -10.55
N LEU A 100 -9.47 10.48 -9.74
CA LEU A 100 -9.64 9.12 -10.22
C LEU A 100 -10.91 8.95 -11.05
N LYS A 101 -11.79 9.97 -11.09
CA LYS A 101 -13.06 9.90 -11.81
C LYS A 101 -14.01 8.83 -11.26
N LEU A 102 -13.96 8.63 -9.95
CA LEU A 102 -14.74 7.62 -9.26
C LEU A 102 -15.73 8.28 -8.33
N ASP A 103 -16.76 7.55 -8.01
CA ASP A 103 -17.75 7.96 -7.03
C ASP A 103 -17.60 7.31 -5.68
N TYR A 104 -16.68 6.30 -5.56
CA TYR A 104 -16.31 5.74 -4.28
C TYR A 104 -14.95 5.06 -4.43
N LEU A 105 -14.31 4.84 -3.29
CA LEU A 105 -13.08 4.09 -3.19
C LEU A 105 -13.46 2.77 -2.50
N ASP A 106 -12.77 1.68 -2.88
CA ASP A 106 -12.98 0.44 -2.14
C ASP A 106 -12.30 0.46 -0.79
N LEU A 107 -11.19 1.21 -0.67
CA LEU A 107 -10.42 1.26 0.58
C LEU A 107 -9.69 2.60 0.61
N TYR A 108 -9.73 3.26 1.76
CA TYR A 108 -9.01 4.51 1.93
C TYR A 108 -8.20 4.40 3.22
N LEU A 109 -6.89 4.67 3.09
CA LEU A 109 -5.96 4.46 4.20
C LEU A 109 -5.43 5.77 4.74
N ILE A 110 -5.19 5.82 6.06
CA ILE A 110 -4.29 6.87 6.59
C ILE A 110 -2.89 6.50 6.15
N HIS A 111 -2.27 7.33 5.29
CA HIS A 111 -1.05 6.91 4.59
C HIS A 111 0.11 6.67 5.58
N TRP A 112 0.28 7.57 6.53
CA TRP A 112 1.26 7.46 7.60
C TRP A 112 0.60 7.96 8.87
N PRO A 113 1.05 7.49 10.05
CA PRO A 113 0.44 7.99 11.29
C PRO A 113 0.79 9.42 11.61
N THR A 114 1.81 9.97 10.98
CA THR A 114 2.34 11.32 11.24
C THR A 114 1.55 12.37 10.46
N GLY A 115 0.98 13.33 11.16
CA GLY A 115 0.42 14.51 10.55
C GLY A 115 1.47 15.59 10.34
N PHE A 116 1.43 16.26 9.19
CA PHE A 116 2.31 17.36 8.84
C PHE A 116 1.51 18.65 8.72
N LYS A 117 2.20 19.76 8.93
CA LYS A 117 1.58 21.06 8.78
C LYS A 117 0.79 21.15 7.47
N PRO A 118 -0.44 21.63 7.51
CA PRO A 118 -1.23 21.73 6.29
CA PRO A 118 -1.22 21.75 6.26
C PRO A 118 -0.67 22.84 5.39
N GLY A 119 -0.86 22.68 4.08
CA GLY A 119 -0.33 23.64 3.11
C GLY A 119 -0.02 22.93 1.81
N LYS A 120 0.57 23.69 0.86
CA LYS A 120 0.70 23.11 -0.49
C LYS A 120 1.79 22.05 -0.55
N GLU A 121 2.84 22.22 0.25
CA GLU A 121 3.98 21.33 0.19
C GLU A 121 3.67 20.00 0.88
N PHE A 122 4.03 18.90 0.23
CA PHE A 122 3.79 17.59 0.82
C PHE A 122 4.68 17.25 2.01
N PHE A 123 5.90 17.81 2.04
CA PHE A 123 6.85 17.58 3.11
C PHE A 123 7.34 18.95 3.55
N PRO A 124 6.54 19.69 4.32
CA PRO A 124 6.87 21.09 4.62
C PRO A 124 8.05 21.10 5.54
N LEU A 125 9.03 21.96 5.23
CA LEU A 125 10.27 22.02 5.98
C LEU A 125 10.44 23.37 6.65
N ASP A 126 11.06 23.34 7.78
CA ASP A 126 11.52 24.60 8.32
C ASP A 126 12.87 24.99 7.68
N GLU A 127 13.55 25.96 8.22
CA GLU A 127 14.84 26.31 7.58
C GLU A 127 16.02 25.39 7.90
N SER A 128 15.85 24.36 8.74
CA SER A 128 16.87 23.34 9.01
C SER A 128 16.55 21.93 8.53
N GLY A 129 15.52 21.77 7.68
CA GLY A 129 15.21 20.48 7.07
C GLY A 129 14.41 19.51 7.90
N ASN A 130 13.89 19.93 9.07
CA ASN A 130 12.98 19.11 9.85
C ASN A 130 11.57 19.25 9.28
N VAL A 131 10.85 18.11 9.12
CA VAL A 131 9.42 18.11 8.81
C VAL A 131 8.68 18.85 9.89
N VAL A 132 7.84 19.77 9.45
CA VAL A 132 6.99 20.50 10.37
C VAL A 132 5.73 19.69 10.64
N PRO A 133 5.50 19.26 11.88
CA PRO A 133 4.34 18.44 12.19
C PRO A 133 3.09 19.29 12.26
N SER A 134 1.93 18.61 12.27
CA SER A 134 0.70 19.26 12.69
CA SER A 134 0.71 19.25 12.70
C SER A 134 0.25 18.74 14.05
N ASP A 135 -0.61 19.57 14.67
CA ASP A 135 -1.27 19.27 15.95
CA ASP A 135 -1.26 19.25 15.95
C ASP A 135 -2.49 18.37 15.68
N THR A 136 -2.21 17.17 15.17
CA THR A 136 -3.21 16.17 14.91
C THR A 136 -2.84 14.88 15.63
N ASN A 137 -3.82 14.01 15.83
CA ASN A 137 -3.61 12.75 16.52
C ASN A 137 -4.34 11.64 15.78
N ILE A 138 -3.87 10.43 16.01
CA ILE A 138 -4.40 9.27 15.31
C ILE A 138 -5.89 9.12 15.50
N LEU A 139 -6.36 9.25 16.75
CA LEU A 139 -7.76 8.93 17.02
C LEU A 139 -8.70 9.92 16.33
N ASP A 140 -8.37 11.21 16.36
CA ASP A 140 -9.22 12.20 15.71
C ASP A 140 -9.19 12.01 14.18
N THR A 141 -8.02 11.69 13.62
CA THR A 141 -7.98 11.42 12.18
C THR A 141 -8.82 10.19 11.86
N TRP A 142 -8.73 9.15 12.68
CA TRP A 142 -9.55 7.97 12.46
C TRP A 142 -11.04 8.30 12.48
N ALA A 143 -11.50 9.12 13.43
CA ALA A 143 -12.90 9.47 13.47
C ALA A 143 -13.32 10.15 12.17
N ALA A 144 -12.45 10.98 11.60
CA ALA A 144 -12.76 11.64 10.33
C ALA A 144 -12.83 10.62 9.19
N MET A 145 -11.95 9.62 9.21
CA MET A 145 -12.03 8.56 8.23
C MET A 145 -13.36 7.80 8.33
N GLU A 146 -13.83 7.55 9.54
CA GLU A 146 -15.09 6.83 9.73
C GLU A 146 -16.23 7.56 9.07
N GLU A 147 -16.24 8.90 9.13
CA GLU A 147 -17.30 9.68 8.49
C GLU A 147 -17.37 9.41 7.00
N LEU A 148 -16.25 9.14 6.37
CA LEU A 148 -16.22 8.87 4.93
C LEU A 148 -17.00 7.61 4.59
N VAL A 149 -16.92 6.59 5.46
CA VAL A 149 -17.71 5.38 5.25
C VAL A 149 -19.20 5.74 5.42
N ASP A 150 -19.51 6.47 6.50
CA ASP A 150 -20.91 6.78 6.78
C ASP A 150 -21.54 7.64 5.70
N GLU A 151 -20.77 8.38 4.91
CA GLU A 151 -21.27 9.19 3.82
C GLU A 151 -21.18 8.51 2.46
N GLY A 152 -20.67 7.29 2.40
CA GLY A 152 -20.67 6.53 1.17
C GLY A 152 -19.52 6.85 0.22
N LEU A 153 -18.52 7.64 0.67
CA LEU A 153 -17.39 7.95 -0.20
CA LEU A 153 -17.41 7.92 -0.24
C LEU A 153 -16.43 6.77 -0.32
N VAL A 154 -16.35 5.94 0.72
CA VAL A 154 -15.40 4.83 0.74
C VAL A 154 -16.11 3.65 1.36
N LYS A 155 -15.78 2.44 0.89
CA LYS A 155 -16.39 1.22 1.40
C LYS A 155 -15.71 0.68 2.64
N ALA A 156 -14.43 0.95 2.81
CA ALA A 156 -13.64 0.44 3.92
C ALA A 156 -12.52 1.47 4.17
N ILE A 157 -12.08 1.50 5.42
CA ILE A 157 -10.96 2.34 5.81
C ILE A 157 -9.92 1.49 6.51
N GLY A 158 -8.67 1.98 6.45
CA GLY A 158 -7.57 1.30 7.06
C GLY A 158 -6.42 2.26 7.29
N ILE A 159 -5.27 1.68 7.60
CA ILE A 159 -4.08 2.42 8.00
C ILE A 159 -2.88 1.87 7.25
N SER A 160 -1.80 2.64 7.32
CA SER A 160 -0.57 2.24 6.66
C SER A 160 0.60 2.75 7.48
N ASN A 161 1.63 1.92 7.62
CA ASN A 161 2.82 2.30 8.40
C ASN A 161 2.49 2.54 9.86
N PHE A 162 1.48 1.84 10.39
CA PHE A 162 1.18 1.92 11.82
C PHE A 162 1.88 0.76 12.52
N ASN A 163 2.50 1.07 13.66
CA ASN A 163 3.04 0.00 14.50
C ASN A 163 1.92 -0.60 15.36
N HIS A 164 2.23 -1.71 16.06
CA HIS A 164 1.14 -2.42 16.72
C HIS A 164 0.49 -1.58 17.80
N LEU A 165 1.28 -0.73 18.48
CA LEU A 165 0.68 0.12 19.51
C LEU A 165 -0.25 1.17 18.92
N GLN A 166 0.10 1.67 17.74
CA GLN A 166 -0.75 2.64 17.06
C GLN A 166 -2.03 1.98 16.55
N VAL A 167 -1.93 0.75 16.06
CA VAL A 167 -3.13 0.00 15.69
C VAL A 167 -4.00 -0.19 16.94
N GLU A 168 -3.38 -0.64 18.03
CA GLU A 168 -4.09 -0.85 19.29
C GLU A 168 -4.83 0.39 19.76
N MET A 169 -4.22 1.57 19.59
CA MET A 169 -4.87 2.82 19.98
C MET A 169 -6.23 2.97 19.28
N ILE A 170 -6.27 2.64 17.98
CA ILE A 170 -7.56 2.67 17.27
C ILE A 170 -8.50 1.57 17.76
N LEU A 171 -7.99 0.35 17.87
CA LEU A 171 -8.86 -0.76 18.29
C LEU A 171 -9.52 -0.48 19.63
N ASN A 172 -8.82 0.20 20.52
CA ASN A 172 -9.31 0.44 21.86
C ASN A 172 -10.04 1.79 21.97
N LYS A 173 -10.20 2.51 20.84
CA LYS A 173 -10.78 3.85 20.86
C LYS A 173 -12.19 3.78 21.44
N PRO A 174 -12.50 4.60 22.44
CA PRO A 174 -13.87 4.72 22.93
C PRO A 174 -14.77 5.16 21.79
N GLY A 175 -15.86 4.45 21.62
CA GLY A 175 -16.83 4.83 20.58
C GLY A 175 -16.35 4.54 19.16
N LEU A 176 -15.37 3.64 19.00
CA LEU A 176 -14.96 3.16 17.68
C LEU A 176 -16.19 2.79 16.85
N LYS A 177 -16.24 3.26 15.60
CA LYS A 177 -17.36 2.92 14.75
CA LYS A 177 -17.35 2.96 14.71
C LYS A 177 -17.00 1.88 13.72
N TYR A 178 -15.77 1.93 13.17
CA TYR A 178 -15.28 0.92 12.23
C TYR A 178 -13.86 0.53 12.62
N LYS A 179 -13.58 -0.79 12.74
CA LYS A 179 -12.21 -1.21 12.89
C LYS A 179 -11.48 -1.02 11.55
N PRO A 180 -10.18 -0.78 11.61
CA PRO A 180 -9.40 -0.78 10.37
CA PRO A 180 -9.39 -0.78 10.37
C PRO A 180 -9.51 -2.13 9.68
N ALA A 181 -9.68 -2.09 8.35
CA ALA A 181 -9.79 -3.32 7.58
C ALA A 181 -8.43 -3.88 7.17
N VAL A 182 -7.46 -2.97 6.99
CA VAL A 182 -6.15 -3.27 6.41
C VAL A 182 -5.11 -2.41 7.11
N ASN A 183 -3.91 -2.99 7.29
CA ASN A 183 -2.67 -2.22 7.56
C ASN A 183 -1.71 -2.54 6.43
N GLN A 184 -1.34 -1.49 5.68
CA GLN A 184 -0.43 -1.65 4.57
C GLN A 184 0.99 -1.25 5.06
N ILE A 185 1.92 -2.21 4.98
CA ILE A 185 3.26 -2.05 5.55
C ILE A 185 4.28 -2.58 4.57
N GLU A 186 5.53 -2.09 4.73
CA GLU A 186 6.62 -2.61 3.94
C GLU A 186 6.86 -4.06 4.32
N CYS A 187 7.04 -4.95 3.33
CA CYS A 187 7.29 -6.35 3.70
C CYS A 187 7.93 -7.08 2.53
N HIS A 188 9.02 -7.78 2.81
CA HIS A 188 9.81 -8.48 1.81
C HIS A 188 10.79 -9.37 2.54
N PRO A 189 11.61 -10.17 1.87
CA PRO A 189 12.50 -11.09 2.60
C PRO A 189 13.50 -10.41 3.52
N TYR A 190 13.83 -9.14 3.30
CA TYR A 190 14.78 -8.46 4.20
C TYR A 190 14.10 -7.76 5.37
N LEU A 191 12.77 -7.70 5.36
CA LEU A 191 11.95 -7.06 6.41
C LEU A 191 10.65 -7.88 6.48
N THR A 192 10.74 -9.03 7.16
CA THR A 192 9.67 -10.01 7.06
C THR A 192 8.47 -9.72 7.95
N GLN A 193 8.59 -8.83 8.93
CA GLN A 193 7.42 -8.33 9.68
C GLN A 193 6.68 -9.44 10.44
N GLU A 194 7.42 -10.41 10.96
CA GLU A 194 6.72 -11.53 11.60
C GLU A 194 5.80 -11.06 12.73
N LYS A 195 6.29 -10.21 13.63
CA LYS A 195 5.49 -9.85 14.81
C LYS A 195 4.31 -8.97 14.45
N LEU A 196 4.50 -8.00 13.55
CA LEU A 196 3.41 -7.12 13.20
C LEU A 196 2.33 -7.88 12.39
N ILE A 197 2.76 -8.79 11.50
CA ILE A 197 1.79 -9.59 10.78
C ILE A 197 0.99 -10.46 11.74
N GLN A 198 1.69 -11.13 12.65
CA GLN A 198 0.97 -11.97 13.61
C GLN A 198 -0.05 -11.14 14.39
N TYR A 199 0.38 -9.94 14.83
CA TYR A 199 -0.52 -9.08 15.59
C TYR A 199 -1.74 -8.71 14.75
N CYS A 200 -1.50 -8.19 13.55
CA CYS A 200 -2.63 -7.73 12.75
C CYS A 200 -3.58 -8.86 12.42
N GLN A 201 -3.03 -9.99 12.00
CA GLN A 201 -3.88 -11.11 11.60
C GLN A 201 -4.68 -11.65 12.79
N SER A 202 -4.11 -11.59 14.00
CA SER A 202 -4.84 -12.02 15.19
C SER A 202 -5.99 -11.09 15.54
N LYS A 203 -5.97 -9.85 15.02
CA LYS A 203 -7.01 -8.86 15.26
C LYS A 203 -7.92 -8.73 14.06
N GLY A 204 -7.87 -9.66 13.12
CA GLY A 204 -8.74 -9.62 11.97
C GLY A 204 -8.47 -8.46 11.03
N ILE A 205 -7.23 -8.00 10.94
CA ILE A 205 -6.81 -6.91 10.06
C ILE A 205 -5.97 -7.53 8.97
N VAL A 206 -6.35 -7.32 7.71
CA VAL A 206 -5.59 -7.84 6.59
C VAL A 206 -4.34 -6.99 6.36
N VAL A 207 -3.24 -7.65 6.09
CA VAL A 207 -1.98 -6.94 5.85
C VAL A 207 -1.69 -6.92 4.36
N THR A 208 -1.39 -5.70 3.84
CA THR A 208 -0.86 -5.54 2.50
C THR A 208 0.64 -5.26 2.58
N ALA A 209 1.42 -6.01 1.80
CA ALA A 209 2.87 -5.85 1.70
C ALA A 209 3.20 -4.89 0.55
N TYR A 210 3.83 -3.76 0.91
CA TYR A 210 4.33 -2.83 -0.06
C TYR A 210 5.84 -3.01 -0.25
N SER A 211 6.37 -2.46 -1.36
CA SER A 211 7.74 -2.62 -1.76
C SER A 211 8.19 -4.08 -1.73
N PRO A 212 7.40 -5.00 -2.32
CA PRO A 212 7.76 -6.42 -2.23
C PRO A 212 9.02 -6.78 -3.02
N LEU A 213 9.40 -5.95 -3.98
CA LEU A 213 10.60 -6.17 -4.77
C LEU A 213 11.77 -5.36 -4.21
N GLY A 214 11.58 -4.71 -3.05
CA GLY A 214 12.62 -3.90 -2.48
C GLY A 214 12.76 -2.51 -3.05
N SER A 215 11.78 -2.04 -3.82
CA SER A 215 11.74 -0.66 -4.28
C SER A 215 13.09 -0.21 -4.85
N PRO A 216 13.60 -0.90 -5.88
CA PRO A 216 14.95 -0.51 -6.38
C PRO A 216 14.99 0.89 -6.96
N ASP A 217 13.82 1.44 -7.36
CA ASP A 217 13.65 2.77 -7.90
C ASP A 217 13.43 3.83 -6.83
N ARG A 218 13.49 3.49 -5.55
CA ARG A 218 13.30 4.50 -4.51
C ARG A 218 14.35 5.62 -4.64
N PRO A 219 14.00 6.86 -4.35
CA PRO A 219 14.91 7.95 -4.75
C PRO A 219 16.14 8.13 -3.89
N TRP A 220 16.17 7.53 -2.73
CA TRP A 220 17.31 7.61 -1.80
C TRP A 220 18.22 6.38 -1.80
N ALA A 221 18.08 5.50 -2.77
CA ALA A 221 18.83 4.26 -2.76
C ALA A 221 20.33 4.57 -2.80
N LYS A 222 21.11 3.75 -2.11
CA LYS A 222 22.56 3.78 -2.13
C LYS A 222 23.08 2.54 -2.82
N PRO A 223 24.15 2.67 -3.58
CA PRO A 223 24.59 1.53 -4.39
C PRO A 223 24.95 0.32 -3.58
N GLU A 224 25.42 0.50 -2.34
CA GLU A 224 25.80 -0.58 -1.42
C GLU A 224 24.59 -1.22 -0.72
N ASP A 225 23.40 -0.66 -0.88
CA ASP A 225 22.21 -1.21 -0.23
C ASP A 225 21.99 -2.64 -0.73
N PRO A 226 21.46 -3.49 0.13
CA PRO A 226 20.98 -4.80 -0.31
C PRO A 226 19.94 -4.72 -1.41
N SER A 227 19.97 -5.68 -2.33
CA SER A 227 19.11 -5.70 -3.50
C SER A 227 18.44 -7.04 -3.65
N LEU A 228 17.13 -7.10 -3.36
CA LEU A 228 16.39 -8.34 -3.46
C LEU A 228 16.40 -8.87 -4.86
N LEU A 229 16.17 -8.01 -5.87
CA LEU A 229 16.01 -8.58 -7.19
C LEU A 229 17.30 -9.17 -7.70
N GLU A 230 18.46 -8.76 -7.15
CA GLU A 230 19.77 -9.22 -7.56
CA GLU A 230 19.71 -9.30 -7.61
C GLU A 230 20.31 -10.31 -6.63
N ASP A 231 19.58 -10.71 -5.61
CA ASP A 231 20.09 -11.63 -4.61
C ASP A 231 20.27 -13.01 -5.24
N PRO A 232 21.48 -13.56 -5.28
CA PRO A 232 21.65 -14.83 -6.00
C PRO A 232 20.92 -15.99 -5.33
N ARG A 233 20.69 -15.88 -4.03
CA ARG A 233 19.99 -16.95 -3.34
C ARG A 233 18.53 -17.03 -3.78
N ILE A 234 17.92 -15.86 -3.98
CA ILE A 234 16.54 -15.82 -4.46
C ILE A 234 16.47 -16.19 -5.92
N LYS A 235 17.48 -15.76 -6.73
CA LYS A 235 17.55 -16.18 -8.11
C LYS A 235 17.58 -17.71 -8.21
N ALA A 236 18.29 -18.38 -7.28
CA ALA A 236 18.37 -19.84 -7.34
C ALA A 236 17.03 -20.49 -7.06
N ILE A 237 16.26 -19.94 -6.12
CA ILE A 237 14.91 -20.45 -5.84
C ILE A 237 14.03 -20.25 -7.06
N ALA A 238 14.14 -19.08 -7.69
CA ALA A 238 13.36 -18.79 -8.89
C ALA A 238 13.69 -19.79 -10.02
N ALA A 239 14.99 -20.02 -10.26
CA ALA A 239 15.42 -20.94 -11.32
C ALA A 239 14.83 -22.33 -11.13
N LYS A 240 14.75 -22.77 -9.88
CA LYS A 240 14.24 -24.13 -9.62
C LYS A 240 12.77 -24.26 -10.01
N HIS A 241 12.01 -23.15 -9.97
CA HIS A 241 10.60 -23.12 -10.32
C HIS A 241 10.36 -22.63 -11.74
N ASN A 242 11.41 -22.37 -12.52
CA ASN A 242 11.27 -21.78 -13.84
CA ASN A 242 11.28 -21.78 -13.85
C ASN A 242 10.45 -20.50 -13.81
N LYS A 243 10.74 -19.65 -12.81
CA LYS A 243 10.09 -18.36 -12.63
C LYS A 243 11.17 -17.32 -12.48
N THR A 244 10.78 -16.05 -12.54
CA THR A 244 11.75 -15.00 -12.28
C THR A 244 11.85 -14.69 -10.79
N THR A 245 12.93 -13.98 -10.42
CA THR A 245 13.06 -13.56 -9.04
CA THR A 245 13.07 -13.54 -9.04
C THR A 245 11.88 -12.69 -8.62
N ALA A 246 11.44 -11.77 -9.48
CA ALA A 246 10.29 -10.96 -9.11
C ALA A 246 9.06 -11.82 -8.84
N GLN A 247 8.83 -12.86 -9.67
CA GLN A 247 7.69 -13.73 -9.43
C GLN A 247 7.78 -14.45 -8.09
N VAL A 248 8.98 -14.90 -7.69
CA VAL A 248 9.15 -15.48 -6.36
C VAL A 248 8.84 -14.45 -5.27
N LEU A 249 9.33 -13.22 -5.46
CA LEU A 249 9.13 -12.19 -4.45
C LEU A 249 7.66 -11.80 -4.30
N ILE A 250 6.87 -11.95 -5.37
CA ILE A 250 5.43 -11.66 -5.28
C ILE A 250 4.66 -12.83 -4.67
N ARG A 251 5.05 -14.07 -5.06
CA ARG A 251 4.38 -15.24 -4.52
C ARG A 251 4.59 -15.40 -3.04
N PHE A 252 5.79 -15.02 -2.55
CA PHE A 252 6.15 -15.15 -1.14
C PHE A 252 5.09 -14.58 -0.18
N PRO A 253 4.73 -13.28 -0.27
CA PRO A 253 3.70 -12.76 0.64
C PRO A 253 2.34 -13.40 0.38
N MET A 254 2.03 -13.77 -0.86
CA MET A 254 0.73 -14.41 -1.11
C MET A 254 0.58 -15.68 -0.26
N GLN A 255 1.66 -16.42 -0.06
CA GLN A 255 1.60 -17.66 0.76
C GLN A 255 1.65 -17.40 2.25
N ARG A 256 1.72 -16.15 2.68
CA ARG A 256 1.61 -15.74 4.06
C ARG A 256 0.25 -15.12 4.34
N ASN A 257 -0.70 -15.29 3.40
CA ASN A 257 -2.03 -14.70 3.55
CA ASN A 257 -2.04 -14.70 3.54
C ASN A 257 -1.98 -13.18 3.60
N LEU A 258 -1.05 -12.62 2.82
CA LEU A 258 -0.96 -11.17 2.63
C LEU A 258 -1.48 -10.78 1.24
N VAL A 259 -1.86 -9.51 1.13
CA VAL A 259 -2.05 -8.85 -0.16
C VAL A 259 -0.71 -8.27 -0.56
N VAL A 260 -0.43 -8.18 -1.85
CA VAL A 260 0.86 -7.66 -2.32
C VAL A 260 0.63 -6.78 -3.55
N ILE A 261 1.43 -5.69 -3.64
CA ILE A 261 1.17 -4.62 -4.62
C ILE A 261 2.45 -4.21 -5.37
N PRO A 262 3.06 -5.15 -6.13
CA PRO A 262 4.24 -4.76 -6.91
C PRO A 262 3.94 -3.67 -7.93
N LYS A 263 4.89 -2.75 -8.09
CA LYS A 263 4.76 -1.65 -9.05
C LYS A 263 5.59 -1.92 -10.30
N SER A 264 4.98 -1.65 -11.46
CA SER A 264 5.73 -1.52 -12.70
C SER A 264 4.97 -0.62 -13.64
N VAL A 265 5.72 0.07 -14.51
CA VAL A 265 5.18 0.75 -15.69
C VAL A 265 5.62 0.07 -16.99
N THR A 266 6.36 -1.03 -16.90
CA THR A 266 6.90 -1.69 -18.08
C THR A 266 5.92 -2.79 -18.49
N PRO A 267 5.30 -2.71 -19.67
CA PRO A 267 4.25 -3.70 -19.99
C PRO A 267 4.64 -5.15 -19.81
N GLU A 268 5.84 -5.56 -20.23
CA GLU A 268 6.20 -6.96 -20.07
C GLU A 268 6.25 -7.37 -18.59
N ARG A 269 6.73 -6.45 -17.73
CA ARG A 269 6.85 -6.76 -16.31
C ARG A 269 5.48 -6.77 -15.64
N ILE A 270 4.58 -5.88 -16.06
CA ILE A 270 3.23 -5.89 -15.52
C ILE A 270 2.62 -7.28 -15.72
N ALA A 271 2.73 -7.80 -16.94
CA ALA A 271 2.20 -9.12 -17.21
C ALA A 271 2.95 -10.22 -16.46
N GLU A 272 4.28 -10.16 -16.43
CA GLU A 272 5.10 -11.12 -15.67
C GLU A 272 4.68 -11.21 -14.21
N ASN A 273 4.50 -10.04 -13.59
CA ASN A 273 4.22 -9.95 -12.17
C ASN A 273 2.87 -10.55 -11.81
N PHE A 274 1.93 -10.63 -12.77
CA PHE A 274 0.61 -11.21 -12.47
C PHE A 274 0.65 -12.73 -12.62
N LYS A 275 1.67 -13.29 -13.28
CA LYS A 275 1.71 -14.71 -13.61
C LYS A 275 2.35 -15.47 -12.45
N VAL A 276 1.64 -15.47 -11.32
CA VAL A 276 2.10 -15.98 -10.03
C VAL A 276 1.06 -16.91 -9.42
N PHE A 277 0.04 -17.30 -10.19
CA PHE A 277 -0.99 -18.19 -9.71
C PHE A 277 -0.83 -19.61 -10.24
N ASP A 278 0.32 -19.91 -10.83
CA ASP A 278 0.52 -21.19 -11.47
C ASP A 278 1.67 -21.99 -10.86
N PHE A 279 2.17 -21.61 -9.67
CA PHE A 279 3.25 -22.33 -9.02
C PHE A 279 3.14 -22.11 -7.52
N GLU A 280 3.85 -22.96 -6.75
CA GLU A 280 3.85 -22.85 -5.28
C GLU A 280 5.27 -22.90 -4.77
N LEU A 281 5.60 -22.01 -3.84
CA LEU A 281 6.84 -22.10 -3.10
C LEU A 281 6.71 -23.20 -2.06
N SER A 282 7.77 -23.99 -1.91
CA SER A 282 7.74 -25.12 -0.98
C SER A 282 7.88 -24.65 0.44
N SER A 283 7.65 -25.56 1.39
CA SER A 283 7.89 -25.22 2.77
CA SER A 283 7.91 -25.25 2.79
C SER A 283 9.35 -24.78 2.97
N GLN A 284 10.30 -25.49 2.37
CA GLN A 284 11.69 -25.11 2.47
C GLN A 284 11.92 -23.73 1.85
N ASP A 285 11.32 -23.45 0.68
CA ASP A 285 11.49 -22.14 0.06
C ASP A 285 11.01 -21.04 1.00
N MET A 286 9.82 -21.25 1.61
CA MET A 286 9.24 -20.23 2.48
C MET A 286 10.12 -19.98 3.70
N THR A 287 10.56 -21.09 4.32
CA THR A 287 11.47 -21.02 5.43
C THR A 287 12.77 -20.31 5.03
N THR A 288 13.31 -20.63 3.88
CA THR A 288 14.54 -20.00 3.47
C THR A 288 14.34 -18.50 3.24
N LEU A 289 13.29 -18.12 2.55
CA LEU A 289 13.06 -16.71 2.29
C LEU A 289 12.84 -15.93 3.59
N LEU A 290 12.09 -16.51 4.56
CA LEU A 290 11.91 -15.85 5.84
C LEU A 290 13.24 -15.68 6.55
N SER A 291 14.18 -16.61 6.33
CA SER A 291 15.47 -16.56 7.03
C SER A 291 16.36 -15.41 6.55
N TYR A 292 16.02 -14.78 5.43
CA TYR A 292 16.80 -13.66 4.92
C TYR A 292 16.51 -12.35 5.65
N ASN A 293 15.59 -12.34 6.61
CA ASN A 293 15.23 -11.10 7.29
C ASN A 293 16.45 -10.46 7.90
N ARG A 294 16.56 -9.14 7.71
CA ARG A 294 17.58 -8.33 8.34
C ARG A 294 16.99 -7.11 9.02
N ASN A 295 15.65 -7.05 9.13
CA ASN A 295 15.00 -5.88 9.69
C ASN A 295 15.41 -4.61 8.94
N TRP A 296 15.53 -4.74 7.62
CA TRP A 296 16.08 -3.69 6.78
C TRP A 296 14.94 -3.01 6.01
N ARG A 297 14.73 -1.55 6.28
CA ARG A 297 13.62 -0.83 5.67
C ARG A 297 14.01 -0.11 4.38
N VAL A 298 13.33 0.03 3.57
CA VAL A 298 13.66 0.93 2.48
C VAL A 298 12.78 2.17 2.58
N CYS A 299 11.71 2.14 3.38
N CYS A 299 11.81 2.16 3.49
CA CYS A 299 10.87 3.32 3.61
CA CYS A 299 10.90 3.27 3.59
C CYS A 299 10.80 3.59 5.11
C CYS A 299 10.76 3.70 5.05
N ALA A 300 11.83 4.29 5.60
CA ALA A 300 11.95 4.56 7.04
C ALA A 300 11.54 5.99 7.42
N LEU A 301 11.02 6.76 6.45
CA LEU A 301 10.51 8.12 6.73
C LEU A 301 11.53 8.89 7.58
N LEU A 302 12.75 8.94 7.08
CA LEU A 302 13.85 9.38 7.93
C LEU A 302 13.79 10.86 8.33
N SER A 303 13.11 11.71 7.56
CA SER A 303 12.95 13.14 7.92
C SER A 303 11.96 13.39 9.11
N CYS A 304 11.31 12.33 9.62
CA CYS A 304 10.24 12.44 10.59
C CYS A 304 10.54 11.67 11.87
N THR A 305 11.84 11.37 12.13
CA THR A 305 12.17 10.56 13.28
C THR A 305 11.89 11.24 14.60
N SER A 306 11.72 12.58 14.65
CA SER A 306 11.37 13.27 15.89
CA SER A 306 11.37 13.24 15.91
C SER A 306 9.87 13.50 16.01
N HIS A 307 9.07 13.08 15.03
CA HIS A 307 7.64 13.30 15.13
C HIS A 307 7.06 12.45 16.24
N LYS A 308 6.09 12.99 17.01
CA LYS A 308 5.52 12.23 18.12
C LYS A 308 4.98 10.90 17.70
N ASP A 309 4.47 10.79 16.46
CA ASP A 309 3.87 9.55 16.02
CA ASP A 309 3.83 9.59 15.96
C ASP A 309 4.73 8.81 15.00
N TYR A 310 6.03 9.09 14.97
CA TYR A 310 6.94 8.32 14.13
C TYR A 310 6.76 6.83 14.46
N PRO A 311 6.55 5.96 13.47
CA PRO A 311 6.12 4.61 13.79
C PRO A 311 7.23 3.61 14.09
N PHE A 312 8.48 3.91 13.76
CA PHE A 312 9.49 2.87 13.72
C PHE A 312 10.49 2.93 14.86
N HIS A 313 10.19 3.61 15.96
CA HIS A 313 10.98 3.46 17.18
C HIS A 313 10.60 2.15 17.87
N GLU A 314 9.32 1.80 17.88
CA GLU A 314 8.89 0.55 18.47
C GLU A 314 9.46 -0.61 17.70
N GLU A 315 9.70 -1.71 18.43
CA GLU A 315 10.16 -2.93 17.76
C GLU A 315 9.21 -3.35 16.65
N PHE A 316 7.92 -3.30 16.92
CA PHE A 316 6.91 -3.60 15.90
C PHE A 316 5.61 -2.91 16.17
#